data_6RY6
#
_entry.id   6RY6
#
_cell.length_a   83.452
_cell.length_b   55.084
_cell.length_c   80.506
_cell.angle_alpha   90.00
_cell.angle_beta   90.56
_cell.angle_gamma   90.00
#
_symmetry.space_group_name_H-M   'C 1 2 1'
#
loop_
_entity.id
_entity.type
_entity.pdbx_description
1 polymer 'Mannan endo-1,6-alpha-mannosidase'
2 non-polymer 2-amino-2-deoxy-alpha-D-glucopyranose
3 non-polymer 'CALCIUM ION'
4 non-polymer 'TRIETHYLENE GLYCOL'
5 water water
#
_entity_poly.entity_id   1
_entity_poly.type   'polypeptide(L)'
_entity_poly.pdbx_seq_one_letter_code
;MGSSHHHHHHSSGLVPRGSHMASQQQYYKIDTKEEILESARTLAYDMMLFYKGNQSGEIPGILPGPPTEHKGDYYWWEGG
AMMGTYVDYWHLTGDPSYNHVIMEGMLHQVGPNADYQPPNHTASLGNDDQGFWGMSAMLAAENKFPNPPDDKPQWLALAQ
AVWTTQASPERHDGTCNGGLRWQIPPTNAGYNYKNTIANACFFDLGARLARYTKNNTYAEWAEKIFDWLYAVGYIDHETW
AVYDGGHVEHNCTDINRAQFSYNAALLLHGAAFMWNYTEDQKWKDRVDNLLTGILRDFFKDGVVFEIPCEGRQGACTADM
LTFKGYVHRWMAVVTQIAPHTKDRILPVLRTSAEAAVKQCVGPPTGRRCGFYWKSGKFVDPSVDHTSGAGEAMSVLAAVS
SLLIEYAEPPATNETGISRGDPNAGMRSRGAAQHFREINAGDR
;
_entity_poly.pdbx_strand_id   A
#
# COMPACT_ATOMS: atom_id res chain seq x y z
N GLN A 26 24.85 8.71 13.56
CA GLN A 26 24.04 7.89 12.65
C GLN A 26 24.65 6.50 12.46
N TYR A 27 23.78 5.50 12.44
CA TYR A 27 24.21 4.11 12.32
C TYR A 27 24.24 3.65 10.87
N TYR A 28 23.16 3.87 10.13
CA TYR A 28 23.07 3.42 8.76
C TYR A 28 23.74 4.40 7.80
N LYS A 29 24.43 3.86 6.81
CA LYS A 29 25.03 4.64 5.73
C LYS A 29 24.25 4.41 4.44
N ILE A 30 24.01 5.48 3.67
CA ILE A 30 23.26 5.35 2.42
C ILE A 30 23.87 6.14 1.27
N ASP A 31 25.18 6.32 1.28
CA ASP A 31 25.80 7.19 0.29
C ASP A 31 26.23 6.49 -0.99
N THR A 32 26.32 5.17 -0.99
CA THR A 32 26.64 4.44 -2.19
C THR A 32 25.65 3.29 -2.31
N LYS A 33 25.62 2.69 -3.51
CA LYS A 33 24.75 1.53 -3.73
C LYS A 33 25.06 0.43 -2.73
N GLU A 34 26.34 0.14 -2.52
CA GLU A 34 26.72 -0.91 -1.59
C GLU A 34 26.29 -0.60 -0.16
N GLU A 35 26.41 0.66 0.28
CA GLU A 35 25.96 1.02 1.61
C GLU A 35 24.45 0.89 1.75
N ILE A 36 23.70 1.31 0.72
CA ILE A 36 22.24 1.20 0.77
C ILE A 36 21.83 -0.26 0.88
N LEU A 37 22.48 -1.13 0.10
CA LEU A 37 22.16 -2.55 0.15
C LEU A 37 22.41 -3.11 1.55
N GLU A 38 23.54 -2.76 2.16
CA GLU A 38 23.81 -3.26 3.51
C GLU A 38 22.81 -2.72 4.52
N SER A 39 22.51 -1.42 4.46
CA SER A 39 21.53 -0.84 5.37
C SER A 39 20.16 -1.49 5.19
N ALA A 40 19.73 -1.67 3.95
CA ALA A 40 18.45 -2.32 3.69
C ALA A 40 18.42 -3.74 4.24
N ARG A 41 19.52 -4.48 4.10
CA ARG A 41 19.55 -5.84 4.64
C ARG A 41 19.38 -5.84 6.16
N THR A 42 20.02 -4.91 6.85
CA THR A 42 19.89 -4.86 8.31
C THR A 42 18.49 -4.40 8.71
N LEU A 43 17.94 -3.42 7.98
CA LEU A 43 16.57 -3.00 8.22
C LEU A 43 15.58 -4.14 7.97
N ALA A 44 15.84 -4.98 6.97
CA ALA A 44 14.95 -6.10 6.72
C ALA A 44 14.99 -7.12 7.86
N TYR A 45 16.18 -7.31 8.43
CA TYR A 45 16.34 -8.17 9.60
C TYR A 45 15.55 -7.59 10.78
N ASP A 46 15.74 -6.30 11.08
CA ASP A 46 15.08 -5.73 12.24
C ASP A 46 13.56 -5.74 12.10
N MET A 47 13.04 -5.48 10.89
N MET A 47 13.05 -5.49 10.89
CA MET A 47 11.59 -5.60 10.70
CA MET A 47 11.60 -5.54 10.70
C MET A 47 11.14 -7.03 10.93
C MET A 47 11.09 -6.97 10.90
N MET A 48 11.89 -8.00 10.43
N MET A 48 11.86 -7.95 10.43
CA MET A 48 11.48 -9.40 10.53
CA MET A 48 11.42 -9.33 10.54
C MET A 48 11.41 -9.85 11.98
C MET A 48 11.36 -9.81 11.99
N LEU A 49 12.16 -9.22 12.89
CA LEU A 49 12.07 -9.60 14.30
C LEU A 49 10.67 -9.41 14.86
N PHE A 50 9.88 -8.48 14.32
CA PHE A 50 8.52 -8.27 14.81
C PHE A 50 7.60 -9.41 14.41
N TYR A 51 7.91 -10.13 13.33
CA TYR A 51 7.03 -11.10 12.74
C TYR A 51 7.32 -12.48 13.28
N LYS A 52 6.28 -13.15 13.78
CA LYS A 52 6.39 -14.47 14.37
C LYS A 52 5.71 -15.55 13.54
N GLY A 53 5.10 -15.19 12.41
CA GLY A 53 4.18 -16.09 11.71
C GLY A 53 4.83 -17.30 11.12
N ASN A 54 6.14 -17.31 10.94
CA ASN A 54 6.82 -18.48 10.41
C ASN A 54 7.26 -19.42 11.51
N GLN A 55 6.99 -19.11 12.77
CA GLN A 55 7.41 -19.96 13.87
C GLN A 55 6.32 -20.97 14.20
N SER A 56 6.75 -22.08 14.80
CA SER A 56 5.81 -23.14 15.14
C SER A 56 4.71 -22.60 16.05
N GLY A 57 3.47 -22.97 15.74
CA GLY A 57 2.32 -22.55 16.51
C GLY A 57 1.76 -21.18 16.17
N GLU A 58 2.38 -20.43 15.28
CA GLU A 58 1.94 -19.09 14.94
C GLU A 58 1.25 -19.10 13.59
N ILE A 59 0.66 -17.96 13.25
CA ILE A 59 -0.18 -17.81 12.06
C ILE A 59 0.62 -17.08 10.98
N PRO A 60 0.88 -17.70 9.83
CA PRO A 60 1.60 -16.96 8.80
C PRO A 60 0.79 -15.81 8.23
N GLY A 61 1.50 -14.74 7.91
CA GLY A 61 1.00 -13.62 7.17
C GLY A 61 0.54 -12.45 8.00
N ILE A 62 0.53 -12.57 9.32
CA ILE A 62 0.10 -11.47 10.18
C ILE A 62 1.21 -11.09 11.15
N LEU A 63 1.22 -9.80 11.50
CA LEU A 63 1.98 -9.28 12.64
C LEU A 63 1.19 -9.55 13.92
N PRO A 64 1.80 -9.39 15.09
CA PRO A 64 1.08 -9.69 16.34
C PRO A 64 -0.17 -8.80 16.49
N GLY A 65 -1.28 -9.41 16.85
CA GLY A 65 -2.54 -8.71 16.92
C GLY A 65 -3.66 -9.67 16.62
N PRO A 66 -4.91 -9.16 16.53
CA PRO A 66 -5.24 -7.73 16.62
C PRO A 66 -5.35 -7.21 18.06
N PRO A 67 -5.29 -5.88 18.22
CA PRO A 67 -5.33 -5.33 19.57
C PRO A 67 -6.67 -5.54 20.24
N THR A 68 -7.73 -5.76 19.45
CA THR A 68 -9.04 -6.07 20.01
C THR A 68 -9.04 -7.39 20.77
N GLU A 69 -8.12 -8.30 20.46
CA GLU A 69 -7.95 -9.55 21.19
C GLU A 69 -6.76 -9.51 22.14
N HIS A 70 -6.13 -8.35 22.32
CA HIS A 70 -4.95 -8.23 23.16
C HIS A 70 -3.85 -9.23 22.81
N LYS A 71 -3.67 -9.44 21.50
CA LYS A 71 -2.62 -10.30 20.99
C LYS A 71 -1.45 -9.52 20.43
N GLY A 72 -1.57 -8.21 20.35
CA GLY A 72 -0.55 -7.35 19.78
C GLY A 72 -1.18 -6.10 19.19
N ASP A 73 -0.32 -5.28 18.59
CA ASP A 73 -0.68 -3.92 18.22
C ASP A 73 -1.31 -3.77 16.84
N TYR A 74 -1.27 -4.82 15.99
CA TYR A 74 -1.41 -4.65 14.55
C TYR A 74 -2.60 -5.42 14.01
N TYR A 75 -3.24 -4.81 13.02
CA TYR A 75 -4.36 -5.44 12.34
C TYR A 75 -3.92 -6.22 11.09
N TRP A 76 -4.80 -7.13 10.66
CA TRP A 76 -4.55 -8.06 9.56
C TRP A 76 -4.02 -7.37 8.31
N TRP A 77 -4.61 -6.23 7.92
CA TRP A 77 -4.16 -5.60 6.67
C TRP A 77 -2.69 -5.21 6.72
N GLU A 78 -2.16 -4.90 7.91
CA GLU A 78 -0.77 -4.48 8.03
C GLU A 78 0.16 -5.66 7.76
N GLY A 79 -0.29 -6.88 8.01
CA GLY A 79 0.43 -8.05 7.54
C GLY A 79 0.53 -8.07 6.04
N GLY A 80 -0.56 -7.76 5.35
CA GLY A 80 -0.54 -7.70 3.90
C GLY A 80 0.42 -6.63 3.40
N ALA A 81 0.43 -5.48 4.07
CA ALA A 81 1.37 -4.41 3.71
C ALA A 81 2.81 -4.86 3.92
N MET A 82 3.07 -5.58 5.01
CA MET A 82 4.42 -6.11 5.25
C MET A 82 4.83 -7.07 4.14
N MET A 83 3.93 -7.97 3.73
CA MET A 83 4.28 -8.91 2.67
C MET A 83 4.71 -8.14 1.43
N GLY A 84 3.95 -7.13 1.04
CA GLY A 84 4.30 -6.37 -0.15
C GLY A 84 5.61 -5.64 0.02
N THR A 85 5.87 -5.08 1.20
CA THR A 85 7.15 -4.42 1.44
C THR A 85 8.32 -5.38 1.17
N TYR A 86 8.18 -6.66 1.54
CA TYR A 86 9.25 -7.62 1.29
C TYR A 86 9.33 -8.10 -0.15
N VAL A 87 8.20 -8.18 -0.85
CA VAL A 87 8.24 -8.42 -2.30
C VAL A 87 9.05 -7.32 -2.97
N ASP A 88 8.81 -6.05 -2.57
CA ASP A 88 9.58 -4.94 -3.12
C ASP A 88 11.05 -5.03 -2.69
N TYR A 89 11.32 -5.39 -1.42
CA TYR A 89 12.68 -5.50 -0.91
C TYR A 89 13.51 -6.42 -1.79
N TRP A 90 12.99 -7.61 -2.10
CA TRP A 90 13.70 -8.53 -2.96
C TRP A 90 13.87 -7.97 -4.37
N HIS A 91 12.83 -7.34 -4.92
CA HIS A 91 12.90 -6.75 -6.25
C HIS A 91 14.00 -5.69 -6.33
N LEU A 92 14.14 -4.89 -5.27
CA LEU A 92 15.06 -3.74 -5.27
C LEU A 92 16.48 -4.15 -4.93
N THR A 93 16.67 -5.17 -4.09
CA THR A 93 17.99 -5.51 -3.58
C THR A 93 18.57 -6.80 -4.17
N GLY A 94 17.73 -7.67 -4.69
CA GLY A 94 18.15 -9.00 -5.10
C GLY A 94 18.32 -10.02 -4.00
N ASP A 95 18.04 -9.66 -2.75
CA ASP A 95 18.22 -10.55 -1.62
C ASP A 95 16.96 -11.40 -1.48
N PRO A 96 17.04 -12.72 -1.72
CA PRO A 96 15.85 -13.59 -1.64
C PRO A 96 15.66 -14.26 -0.27
N SER A 97 16.41 -13.83 0.76
CA SER A 97 16.45 -14.52 2.04
C SER A 97 15.07 -14.75 2.63
N TYR A 98 14.16 -13.77 2.51
CA TYR A 98 12.83 -13.87 3.13
C TYR A 98 11.76 -14.37 2.18
N ASN A 99 12.09 -14.72 0.94
CA ASN A 99 11.04 -15.02 -0.04
C ASN A 99 10.16 -16.19 0.41
N HIS A 100 10.74 -17.23 1.01
CA HIS A 100 9.90 -18.37 1.43
C HIS A 100 8.93 -17.98 2.53
N VAL A 101 9.37 -17.17 3.50
CA VAL A 101 8.50 -16.70 4.58
C VAL A 101 7.35 -15.88 4.01
N ILE A 102 7.65 -15.01 3.05
CA ILE A 102 6.66 -14.12 2.47
C ILE A 102 5.66 -14.90 1.62
N MET A 103 6.15 -15.85 0.83
CA MET A 103 5.21 -16.67 0.06
CA MET A 103 5.26 -16.72 0.07
C MET A 103 4.25 -17.39 1.00
N GLU A 104 4.76 -17.99 2.08
CA GLU A 104 3.93 -18.70 3.06
C GLU A 104 2.88 -17.76 3.63
N GLY A 105 3.28 -16.54 4.02
CA GLY A 105 2.34 -15.59 4.59
C GLY A 105 1.26 -15.18 3.61
N MET A 106 1.65 -14.82 2.39
CA MET A 106 0.70 -14.43 1.36
CA MET A 106 0.68 -14.42 1.38
C MET A 106 -0.31 -15.54 1.09
N LEU A 107 0.15 -16.78 1.00
CA LEU A 107 -0.74 -17.89 0.66
C LEU A 107 -1.65 -18.27 1.82
N HIS A 108 -1.21 -18.06 3.06
CA HIS A 108 -2.02 -18.49 4.19
C HIS A 108 -3.29 -17.66 4.32
N GLN A 109 -3.29 -16.42 3.83
CA GLN A 109 -4.36 -15.46 4.09
C GLN A 109 -5.38 -15.33 2.95
N VAL A 110 -5.29 -16.18 1.92
CA VAL A 110 -6.11 -16.00 0.74
C VAL A 110 -7.59 -16.33 0.93
N GLY A 111 -7.95 -17.10 1.96
CA GLY A 111 -9.32 -17.53 2.16
C GLY A 111 -9.71 -18.71 1.26
N PRO A 112 -10.84 -19.36 1.60
CA PRO A 112 -11.26 -20.54 0.83
C PRO A 112 -11.56 -20.24 -0.62
N ASN A 113 -11.92 -19.00 -0.93
CA ASN A 113 -12.28 -18.65 -2.30
C ASN A 113 -11.18 -17.88 -3.00
N ALA A 114 -9.97 -17.88 -2.45
CA ALA A 114 -8.78 -17.31 -3.10
C ALA A 114 -9.04 -15.86 -3.54
N ASP A 115 -9.54 -15.07 -2.58
CA ASP A 115 -10.00 -13.71 -2.83
C ASP A 115 -9.63 -12.76 -1.70
N TYR A 116 -8.77 -13.21 -0.77
CA TYR A 116 -8.39 -12.42 0.41
C TYR A 116 -9.60 -12.00 1.23
N GLN A 117 -10.61 -12.88 1.33
CA GLN A 117 -11.73 -12.70 2.25
C GLN A 117 -11.84 -13.88 3.20
N PRO A 118 -10.78 -14.21 3.94
CA PRO A 118 -10.91 -15.30 4.94
C PRO A 118 -11.94 -14.92 5.99
N PRO A 119 -12.95 -15.76 6.20
CA PRO A 119 -14.10 -15.35 7.03
C PRO A 119 -13.76 -15.20 8.50
N ASN A 120 -12.70 -15.86 8.96
CA ASN A 120 -12.29 -15.65 10.34
C ASN A 120 -11.99 -14.19 10.60
N HIS A 121 -11.64 -13.43 9.55
CA HIS A 121 -11.28 -12.03 9.66
C HIS A 121 -12.37 -11.05 9.24
N THR A 122 -13.63 -11.47 9.29
CA THR A 122 -14.72 -10.62 8.80
C THR A 122 -14.69 -9.22 9.42
N ALA A 123 -14.36 -9.11 10.71
CA ALA A 123 -14.38 -7.80 11.36
C ALA A 123 -13.34 -6.85 10.77
N SER A 124 -12.28 -7.38 10.17
CA SER A 124 -11.25 -6.57 9.52
C SER A 124 -11.48 -6.39 8.03
N LEU A 125 -12.63 -6.81 7.52
N LEU A 125 -12.62 -6.84 7.51
CA LEU A 125 -12.84 -6.87 6.08
CA LEU A 125 -12.83 -6.87 6.06
C LEU A 125 -13.43 -5.55 5.58
C LEU A 125 -13.44 -5.54 5.62
N GLY A 126 -12.57 -4.55 5.56
CA GLY A 126 -12.82 -3.40 4.72
C GLY A 126 -12.34 -3.66 3.31
N ASN A 127 -12.86 -2.86 2.39
CA ASN A 127 -12.37 -2.89 1.01
C ASN A 127 -10.90 -2.49 0.96
N ASP A 128 -10.47 -1.57 1.81
CA ASP A 128 -9.05 -1.24 1.85
C ASP A 128 -8.22 -2.39 2.41
N ASP A 129 -8.69 -3.06 3.46
CA ASP A 129 -7.93 -4.17 4.01
C ASP A 129 -7.72 -5.25 2.96
N GLN A 130 -8.81 -5.68 2.31
CA GLN A 130 -8.73 -6.66 1.23
C GLN A 130 -7.87 -6.12 0.09
N GLY A 131 -8.04 -4.85 -0.21
CA GLY A 131 -7.29 -4.19 -1.25
C GLY A 131 -5.79 -4.23 -1.07
N PHE A 132 -5.31 -4.02 0.17
CA PHE A 132 -3.86 -4.06 0.40
C PHE A 132 -3.29 -5.45 0.15
N TRP A 133 -4.02 -6.50 0.51
CA TRP A 133 -3.58 -7.85 0.16
C TRP A 133 -3.57 -8.04 -1.36
N GLY A 134 -4.61 -7.56 -2.03
CA GLY A 134 -4.64 -7.64 -3.49
C GLY A 134 -3.50 -6.91 -4.14
N MET A 135 -3.16 -5.73 -3.59
N MET A 135 -3.15 -5.74 -3.58
CA MET A 135 -2.03 -4.95 -4.11
CA MET A 135 -2.04 -4.95 -4.11
C MET A 135 -0.72 -5.71 -3.94
C MET A 135 -0.69 -5.63 -3.89
N SER A 136 -0.52 -6.36 -2.79
CA SER A 136 0.71 -7.14 -2.62
C SER A 136 0.80 -8.29 -3.63
N ALA A 137 -0.33 -8.92 -3.95
CA ALA A 137 -0.35 -9.95 -4.99
C ALA A 137 -0.05 -9.35 -6.36
N MET A 138 -0.63 -8.18 -6.65
CA MET A 138 -0.34 -7.48 -7.90
C MET A 138 1.14 -7.17 -8.01
N LEU A 139 1.72 -6.68 -6.91
CA LEU A 139 3.15 -6.38 -6.87
C LEU A 139 4.00 -7.62 -7.11
N ALA A 140 3.59 -8.75 -6.53
CA ALA A 140 4.31 -9.99 -6.77
C ALA A 140 4.31 -10.33 -8.26
N ALA A 141 3.17 -10.17 -8.94
CA ALA A 141 3.15 -10.43 -10.38
C ALA A 141 4.05 -9.43 -11.12
N GLU A 142 3.96 -8.15 -10.79
CA GLU A 142 4.75 -7.12 -11.47
C GLU A 142 6.24 -7.31 -11.26
N ASN A 143 6.63 -7.85 -10.11
CA ASN A 143 8.02 -7.98 -9.74
C ASN A 143 8.57 -9.37 -10.07
N LYS A 144 7.76 -10.22 -10.70
CA LYS A 144 8.16 -11.58 -11.02
C LYS A 144 8.60 -12.36 -9.77
N PHE A 145 7.94 -12.07 -8.65
CA PHE A 145 8.17 -12.85 -7.42
C PHE A 145 7.88 -14.33 -7.70
N PRO A 146 8.68 -15.26 -7.17
CA PRO A 146 8.48 -16.67 -7.52
C PRO A 146 7.04 -17.12 -7.35
N ASN A 147 6.58 -17.91 -8.30
CA ASN A 147 5.20 -18.36 -8.26
C ASN A 147 4.94 -19.39 -7.16
N PRO A 148 3.73 -19.37 -6.56
CA PRO A 148 3.31 -20.46 -5.68
C PRO A 148 3.27 -21.78 -6.42
N PRO A 149 3.24 -22.90 -5.69
CA PRO A 149 3.06 -24.22 -6.32
C PRO A 149 1.85 -24.26 -7.24
N ASP A 150 1.91 -25.24 -8.14
CA ASP A 150 0.93 -25.31 -9.23
C ASP A 150 -0.50 -25.45 -8.71
N ASP A 151 -0.67 -26.08 -7.56
CA ASP A 151 -2.00 -26.31 -7.02
C ASP A 151 -2.50 -25.15 -6.16
N LYS A 152 -1.73 -24.09 -6.00
CA LYS A 152 -2.07 -22.97 -5.16
C LYS A 152 -2.42 -21.75 -6.00
N PRO A 153 -3.16 -20.80 -5.42
CA PRO A 153 -3.53 -19.59 -6.18
C PRO A 153 -2.29 -18.83 -6.61
N GLN A 154 -2.32 -18.29 -7.82
CA GLN A 154 -1.20 -17.56 -8.42
C GLN A 154 -1.41 -16.07 -8.20
N TRP A 155 -0.30 -15.31 -8.26
CA TRP A 155 -0.35 -13.91 -7.83
C TRP A 155 -1.32 -13.07 -8.67
N LEU A 156 -1.24 -13.16 -10.00
CA LEU A 156 -2.16 -12.39 -10.83
C LEU A 156 -3.60 -12.78 -10.55
N ALA A 157 -3.87 -14.08 -10.42
CA ALA A 157 -5.23 -14.56 -10.14
C ALA A 157 -5.76 -14.01 -8.82
N LEU A 158 -4.88 -13.86 -7.83
CA LEU A 158 -5.30 -13.32 -6.54
C LEU A 158 -5.67 -11.85 -6.67
N ALA A 159 -4.84 -11.07 -7.39
CA ALA A 159 -5.18 -9.68 -7.63
C ALA A 159 -6.49 -9.56 -8.39
N GLN A 160 -6.68 -10.40 -9.44
CA GLN A 160 -7.91 -10.38 -10.21
C GLN A 160 -9.11 -10.71 -9.34
N ALA A 161 -8.94 -11.62 -8.38
CA ALA A 161 -10.07 -11.99 -7.53
C ALA A 161 -10.47 -10.85 -6.62
N VAL A 162 -9.49 -10.16 -6.04
CA VAL A 162 -9.80 -9.00 -5.20
C VAL A 162 -10.52 -7.95 -6.03
N TRP A 163 -9.97 -7.61 -7.19
CA TRP A 163 -10.57 -6.59 -8.05
C TRP A 163 -11.99 -6.99 -8.44
N THR A 164 -12.20 -8.25 -8.82
CA THR A 164 -13.52 -8.70 -9.25
C THR A 164 -14.55 -8.59 -8.12
N THR A 165 -14.19 -9.03 -6.91
CA THR A 165 -15.12 -8.90 -5.80
C THR A 165 -15.40 -7.43 -5.51
N GLN A 166 -14.43 -6.54 -5.73
CA GLN A 166 -14.66 -5.13 -5.48
C GLN A 166 -15.50 -4.46 -6.56
N ALA A 167 -15.55 -5.04 -7.74
CA ALA A 167 -16.39 -4.59 -8.83
C ALA A 167 -17.81 -5.16 -8.78
N SER A 168 -18.08 -6.07 -7.84
CA SER A 168 -19.36 -6.77 -7.82
C SER A 168 -20.49 -5.77 -7.59
N PRO A 169 -21.67 -6.00 -8.19
CA PRO A 169 -22.68 -4.94 -8.19
C PRO A 169 -23.15 -4.51 -6.80
N GLU A 170 -23.20 -5.42 -5.83
CA GLU A 170 -23.69 -5.03 -4.50
C GLU A 170 -22.75 -4.07 -3.79
N ARG A 171 -21.52 -3.92 -4.26
CA ARG A 171 -20.60 -2.95 -3.68
C ARG A 171 -20.72 -1.57 -4.30
N HIS A 172 -21.59 -1.41 -5.31
CA HIS A 172 -21.76 -0.16 -6.05
C HIS A 172 -23.22 0.23 -6.08
N ASP A 173 -23.69 0.89 -5.04
CA ASP A 173 -25.09 1.31 -4.96
C ASP A 173 -25.22 2.78 -5.37
N GLY A 174 -26.44 3.30 -5.27
CA GLY A 174 -26.72 4.65 -5.75
C GLY A 174 -26.40 5.76 -4.78
N THR A 175 -26.09 5.44 -3.53
CA THR A 175 -25.79 6.50 -2.58
C THR A 175 -24.54 7.25 -3.05
N CYS A 176 -24.56 8.57 -2.90
CA CYS A 176 -23.49 9.43 -3.39
C CYS A 176 -23.19 9.21 -4.87
N ASN A 177 -24.16 8.69 -5.63
CA ASN A 177 -23.99 8.40 -7.06
C ASN A 177 -22.89 7.38 -7.34
N GLY A 178 -22.54 6.53 -6.38
CA GLY A 178 -21.55 5.49 -6.57
C GLY A 178 -20.49 5.52 -5.50
N GLY A 179 -19.37 4.89 -5.81
CA GLY A 179 -18.26 4.73 -4.88
C GLY A 179 -18.42 3.53 -3.98
N LEU A 180 -17.28 2.96 -3.59
CA LEU A 180 -17.25 1.93 -2.58
C LEU A 180 -17.40 2.50 -1.18
N ARG A 181 -18.11 1.76 -0.34
CA ARG A 181 -18.10 1.94 1.11
C ARG A 181 -16.80 1.41 1.69
N TRP A 182 -16.45 1.91 2.87
CA TRP A 182 -15.24 1.48 3.53
C TRP A 182 -15.29 -0.01 3.82
N GLN A 183 -16.40 -0.46 4.38
CA GLN A 183 -16.54 -1.84 4.86
C GLN A 183 -17.26 -2.70 3.84
N ILE A 184 -16.93 -4.00 3.87
CA ILE A 184 -17.62 -5.02 3.06
C ILE A 184 -18.88 -5.51 3.76
N PRO A 185 -18.83 -5.96 5.00
CA PRO A 185 -20.07 -6.46 5.65
C PRO A 185 -20.97 -5.29 6.01
N PRO A 186 -22.26 -5.34 5.66
CA PRO A 186 -23.16 -4.22 5.99
C PRO A 186 -23.27 -3.95 7.47
N THR A 187 -23.03 -4.93 8.34
CA THR A 187 -23.15 -4.72 9.77
C THR A 187 -21.84 -4.27 10.42
N ASN A 188 -20.76 -4.12 9.64
CA ASN A 188 -19.51 -3.61 10.19
C ASN A 188 -19.60 -2.11 10.41
N ALA A 189 -19.12 -1.65 11.55
CA ALA A 189 -19.04 -0.22 11.80
C ALA A 189 -18.22 0.42 10.69
N GLY A 190 -18.72 1.52 10.15
CA GLY A 190 -18.08 2.17 9.04
C GLY A 190 -18.65 1.84 7.68
N TYR A 191 -19.66 0.97 7.60
CA TYR A 191 -20.29 0.70 6.30
C TYR A 191 -20.90 1.94 5.70
N ASN A 192 -21.29 2.92 6.52
CA ASN A 192 -21.89 4.16 6.05
C ASN A 192 -20.87 5.20 5.59
N TYR A 193 -19.58 4.90 5.68
CA TYR A 193 -18.53 5.84 5.29
C TYR A 193 -17.97 5.42 3.93
N LYS A 194 -18.13 6.27 2.92
CA LYS A 194 -17.51 6.04 1.62
C LYS A 194 -16.20 6.81 1.65
N ASN A 195 -15.09 6.12 1.78
CA ASN A 195 -13.81 6.77 1.99
C ASN A 195 -12.86 6.67 0.81
N THR A 196 -11.90 7.59 0.80
CA THR A 196 -10.94 7.61 -0.29
C THR A 196 -10.18 6.29 -0.39
N ILE A 197 -9.67 5.77 0.73
CA ILE A 197 -8.72 4.67 0.62
C ILE A 197 -9.36 3.43 -0.03
N ALA A 198 -10.61 3.11 0.32
CA ALA A 198 -11.25 1.94 -0.31
C ALA A 198 -11.30 2.13 -1.82
N ASN A 199 -11.69 3.33 -2.24
CA ASN A 199 -11.81 3.62 -3.66
C ASN A 199 -10.44 3.70 -4.34
N ALA A 200 -9.45 4.26 -3.66
CA ALA A 200 -8.10 4.35 -4.19
C ALA A 200 -7.48 2.98 -4.39
N CYS A 201 -7.72 2.04 -3.45
CA CYS A 201 -7.21 0.69 -3.65
C CYS A 201 -7.83 0.05 -4.89
N PHE A 202 -9.15 0.17 -5.05
CA PHE A 202 -9.82 -0.42 -6.20
C PHE A 202 -9.35 0.24 -7.50
N PHE A 203 -9.19 1.57 -7.48
CA PHE A 203 -8.65 2.31 -8.61
C PHE A 203 -7.27 1.82 -8.99
N ASP A 204 -6.38 1.77 -8.01
CA ASP A 204 -4.99 1.38 -8.24
C ASP A 204 -4.93 -0.04 -8.79
N LEU A 205 -5.68 -0.97 -8.19
N LEU A 205 -5.72 -0.95 -8.23
CA LEU A 205 -5.70 -2.32 -8.71
CA LEU A 205 -5.69 -2.33 -8.70
C LEU A 205 -6.17 -2.35 -10.16
C LEU A 205 -6.25 -2.46 -10.11
N GLY A 206 -7.25 -1.65 -10.48
CA GLY A 206 -7.73 -1.65 -11.85
C GLY A 206 -6.72 -1.10 -12.83
N ALA A 207 -6.06 0.00 -12.48
CA ALA A 207 -5.05 0.57 -13.36
C ALA A 207 -3.89 -0.39 -13.58
N ARG A 208 -3.46 -1.07 -12.53
CA ARG A 208 -2.34 -2.01 -12.61
C ARG A 208 -2.72 -3.28 -13.35
N LEU A 209 -3.94 -3.77 -13.13
CA LEU A 209 -4.39 -4.93 -13.89
C LEU A 209 -4.52 -4.61 -15.37
N ALA A 210 -4.99 -3.39 -15.69
CA ALA A 210 -5.03 -2.97 -17.10
C ALA A 210 -3.65 -3.01 -17.73
N ARG A 211 -2.66 -2.41 -17.06
CA ARG A 211 -1.33 -2.39 -17.66
C ARG A 211 -0.77 -3.79 -17.81
N TYR A 212 -0.96 -4.64 -16.80
CA TYR A 212 -0.34 -5.95 -16.84
C TYR A 212 -0.98 -6.82 -17.93
N THR A 213 -2.32 -6.86 -17.95
CA THR A 213 -3.06 -7.78 -18.81
C THR A 213 -3.41 -7.21 -20.17
N LYS A 214 -3.36 -5.90 -20.33
CA LYS A 214 -3.80 -5.19 -21.52
C LYS A 214 -5.29 -5.30 -21.74
N ASN A 215 -6.06 -5.60 -20.70
CA ASN A 215 -7.51 -5.70 -20.78
C ASN A 215 -8.13 -4.36 -20.39
N ASN A 216 -8.88 -3.78 -21.32
CA ASN A 216 -9.41 -2.44 -21.14
C ASN A 216 -10.54 -2.36 -20.14
N THR A 217 -11.22 -3.46 -19.79
CA THR A 217 -12.30 -3.35 -18.82
C THR A 217 -11.78 -2.94 -17.46
N TYR A 218 -10.58 -3.38 -17.10
CA TYR A 218 -9.97 -2.89 -15.87
C TYR A 218 -9.80 -1.37 -15.90
N ALA A 219 -9.31 -0.84 -17.02
CA ALA A 219 -9.05 0.58 -17.17
C ALA A 219 -10.34 1.40 -17.14
N GLU A 220 -11.42 0.89 -17.76
CA GLU A 220 -12.67 1.65 -17.76
C GLU A 220 -13.22 1.78 -16.35
N TRP A 221 -13.11 0.72 -15.54
CA TRP A 221 -13.50 0.83 -14.14
C TRP A 221 -12.61 1.78 -13.37
N ALA A 222 -11.30 1.74 -13.62
CA ALA A 222 -10.41 2.68 -12.94
C ALA A 222 -10.77 4.12 -13.28
N GLU A 223 -11.04 4.40 -14.55
N GLU A 223 -11.08 4.41 -14.54
CA GLU A 223 -11.49 5.74 -14.97
CA GLU A 223 -11.48 5.76 -14.91
C GLU A 223 -12.75 6.13 -14.22
C GLU A 223 -12.78 6.15 -14.22
N LYS A 224 -13.72 5.22 -14.15
CA LYS A 224 -14.99 5.52 -13.51
C LYS A 224 -14.78 5.87 -12.04
N ILE A 225 -13.98 5.08 -11.33
CA ILE A 225 -13.79 5.35 -9.90
C ILE A 225 -13.02 6.65 -9.68
N PHE A 226 -11.99 6.92 -10.48
CA PHE A 226 -11.27 8.19 -10.33
C PHE A 226 -12.20 9.36 -10.57
N ASP A 227 -13.05 9.27 -11.60
CA ASP A 227 -13.99 10.34 -11.91
C ASP A 227 -14.98 10.54 -10.76
N TRP A 228 -15.37 9.47 -10.08
CA TRP A 228 -16.24 9.56 -8.91
C TRP A 228 -15.53 10.29 -7.76
N LEU A 229 -14.29 9.90 -7.47
CA LEU A 229 -13.52 10.56 -6.42
C LEU A 229 -13.38 12.04 -6.70
N TYR A 230 -13.19 12.40 -7.96
CA TYR A 230 -13.10 13.80 -8.34
C TYR A 230 -14.47 14.48 -8.15
N ALA A 231 -15.52 13.87 -8.72
CA ALA A 231 -16.84 14.49 -8.65
C ALA A 231 -17.31 14.70 -7.21
N VAL A 232 -17.17 13.69 -6.36
CA VAL A 232 -17.60 13.80 -4.96
C VAL A 232 -16.80 14.85 -4.21
N GLY A 233 -15.64 15.26 -4.73
CA GLY A 233 -14.83 16.28 -4.10
C GLY A 233 -13.86 15.77 -3.07
N TYR A 234 -13.63 14.45 -3.00
CA TYR A 234 -12.55 13.97 -2.16
C TYR A 234 -11.19 14.37 -2.74
N ILE A 235 -11.11 14.59 -4.05
CA ILE A 235 -9.98 15.28 -4.68
C ILE A 235 -10.39 16.74 -4.84
N ASP A 236 -9.63 17.64 -4.25
CA ASP A 236 -9.94 19.06 -4.32
C ASP A 236 -9.72 19.56 -5.73
N HIS A 237 -10.76 20.16 -6.33
CA HIS A 237 -10.66 20.56 -7.73
C HIS A 237 -9.68 21.71 -7.97
N GLU A 238 -9.38 22.49 -6.94
CA GLU A 238 -8.46 23.60 -7.05
C GLU A 238 -7.04 23.22 -6.64
N THR A 239 -6.88 22.51 -5.53
CA THR A 239 -5.55 22.29 -4.97
C THR A 239 -5.03 20.87 -5.17
N TRP A 240 -5.90 19.93 -5.58
CA TRP A 240 -5.54 18.53 -5.70
C TRP A 240 -5.10 17.89 -4.39
N ALA A 241 -5.42 18.52 -3.25
CA ALA A 241 -5.43 17.81 -1.98
C ALA A 241 -6.40 16.64 -2.06
N VAL A 242 -6.14 15.60 -1.27
CA VAL A 242 -6.94 14.37 -1.26
C VAL A 242 -7.43 14.12 0.16
N TYR A 243 -8.73 14.33 0.36
CA TYR A 243 -9.39 14.23 1.66
C TYR A 243 -9.75 12.78 1.97
N ASP A 244 -10.33 12.56 3.15
CA ASP A 244 -10.44 11.20 3.68
C ASP A 244 -11.73 10.48 3.30
N GLY A 245 -12.85 11.16 3.22
CA GLY A 245 -14.11 10.50 2.93
C GLY A 245 -15.30 11.34 3.38
N GLY A 246 -16.49 10.72 3.32
CA GLY A 246 -17.75 11.34 3.69
C GLY A 246 -18.77 10.24 3.91
N HIS A 247 -19.91 10.57 4.54
CA HIS A 247 -20.90 9.57 4.92
C HIS A 247 -22.13 9.59 4.03
N VAL A 248 -22.70 8.40 3.80
CA VAL A 248 -23.84 8.30 2.88
C VAL A 248 -25.06 9.09 3.36
N GLU A 249 -25.27 9.17 4.68
CA GLU A 249 -26.45 9.87 5.17
C GLU A 249 -26.42 11.37 4.86
N HIS A 250 -25.26 11.91 4.50
CA HIS A 250 -25.11 13.29 4.10
C HIS A 250 -24.78 13.41 2.61
N ASN A 251 -25.09 12.36 1.83
CA ASN A 251 -24.74 12.34 0.42
C ASN A 251 -23.24 12.58 0.21
N CYS A 252 -22.42 12.17 1.19
CA CYS A 252 -20.97 12.27 1.12
C CYS A 252 -20.48 13.71 1.18
N THR A 253 -21.32 14.66 1.56
CA THR A 253 -20.93 16.08 1.59
C THR A 253 -20.22 16.49 2.87
N ASP A 254 -20.29 15.69 3.91
CA ASP A 254 -19.62 16.00 5.18
C ASP A 254 -18.17 15.53 5.11
N ILE A 255 -17.42 16.14 4.18
CA ILE A 255 -16.08 15.65 3.89
C ILE A 255 -15.18 15.80 5.12
N ASN A 256 -14.57 14.69 5.51
CA ASN A 256 -13.49 14.67 6.46
C ASN A 256 -12.23 15.11 5.72
N ARG A 257 -11.79 16.34 5.99
CA ARG A 257 -10.70 16.94 5.22
C ARG A 257 -9.33 16.58 5.76
N ALA A 258 -9.23 15.60 6.66
CA ALA A 258 -7.93 15.07 7.02
C ALA A 258 -7.22 14.54 5.77
N GLN A 259 -5.95 14.88 5.63
CA GLN A 259 -5.11 14.55 4.48
C GLN A 259 -4.03 13.55 4.91
N PHE A 260 -4.31 12.27 4.69
CA PHE A 260 -3.36 11.20 4.96
C PHE A 260 -2.49 10.97 3.72
N SER A 261 -1.20 10.83 3.95
CA SER A 261 -0.24 10.79 2.85
C SER A 261 -0.56 9.67 1.86
N TYR A 262 -0.93 8.51 2.35
CA TYR A 262 -1.12 7.36 1.48
C TYR A 262 -2.32 7.50 0.55
N ASN A 263 -3.28 8.36 0.87
CA ASN A 263 -4.41 8.55 -0.02
C ASN A 263 -3.98 9.27 -1.30
N ALA A 264 -3.33 10.43 -1.15
CA ALA A 264 -2.83 11.13 -2.32
C ALA A 264 -1.80 10.28 -3.07
N ALA A 265 -0.89 9.62 -2.36
CA ALA A 265 0.16 8.86 -3.04
C ALA A 265 -0.42 7.67 -3.82
N LEU A 266 -1.44 7.00 -3.28
CA LEU A 266 -2.04 5.88 -4.00
C LEU A 266 -2.76 6.36 -5.25
N LEU A 267 -3.45 7.52 -5.19
CA LEU A 267 -4.03 8.04 -6.41
C LEU A 267 -2.98 8.45 -7.42
N LEU A 268 -1.87 9.01 -6.96
CA LEU A 268 -0.76 9.31 -7.86
C LEU A 268 -0.27 8.03 -8.54
N HIS A 269 -0.06 6.97 -7.76
CA HIS A 269 0.43 5.70 -8.29
C HIS A 269 -0.51 5.17 -9.36
N GLY A 270 -1.80 5.07 -9.04
CA GLY A 270 -2.75 4.58 -10.03
C GLY A 270 -2.80 5.46 -11.27
N ALA A 271 -2.79 6.79 -11.09
CA ALA A 271 -2.82 7.71 -12.21
C ALA A 271 -1.60 7.51 -13.11
N ALA A 272 -0.45 7.20 -12.51
CA ALA A 272 0.74 6.96 -13.31
C ALA A 272 0.59 5.69 -14.15
N PHE A 273 0.04 4.63 -13.57
CA PHE A 273 -0.27 3.42 -14.35
C PHE A 273 -1.25 3.75 -15.49
N MET A 274 -2.25 4.59 -15.23
CA MET A 274 -3.20 4.93 -16.29
C MET A 274 -2.54 5.78 -17.38
N TRP A 275 -1.66 6.71 -16.99
CA TRP A 275 -0.90 7.48 -17.98
C TRP A 275 -0.06 6.56 -18.85
N ASN A 276 0.64 5.62 -18.22
CA ASN A 276 1.51 4.70 -18.96
C ASN A 276 0.70 3.83 -19.92
N TYR A 277 -0.46 3.35 -19.47
CA TYR A 277 -1.31 2.47 -20.28
C TYR A 277 -2.00 3.23 -21.40
N THR A 278 -2.61 4.38 -21.10
CA THR A 278 -3.43 5.07 -22.07
C THR A 278 -2.70 6.09 -22.92
N GLU A 279 -1.61 6.67 -22.42
CA GLU A 279 -0.95 7.82 -23.05
C GLU A 279 -1.93 8.97 -23.31
N ASP A 280 -2.99 9.06 -22.52
CA ASP A 280 -3.94 10.16 -22.62
C ASP A 280 -3.44 11.31 -21.78
N GLN A 281 -3.31 12.50 -22.38
CA GLN A 281 -2.82 13.67 -21.68
C GLN A 281 -3.59 13.94 -20.39
N LYS A 282 -4.87 13.62 -20.33
CA LYS A 282 -5.60 13.91 -19.10
C LYS A 282 -4.98 13.19 -17.91
N TRP A 283 -4.44 11.99 -18.14
CA TRP A 283 -3.79 11.26 -17.06
C TRP A 283 -2.42 11.85 -16.71
N LYS A 284 -1.67 12.34 -17.70
N LYS A 284 -1.67 12.33 -17.71
CA LYS A 284 -0.44 13.04 -17.40
CA LYS A 284 -0.44 13.04 -17.40
C LYS A 284 -0.75 14.28 -16.55
C LYS A 284 -0.75 14.26 -16.53
N ASP A 285 -1.80 15.00 -16.88
CA ASP A 285 -2.16 16.19 -16.10
C ASP A 285 -2.54 15.79 -14.67
N ARG A 286 -3.27 14.69 -14.51
CA ARG A 286 -3.63 14.22 -13.17
C ARG A 286 -2.41 13.81 -12.37
N VAL A 287 -1.47 13.08 -12.99
CA VAL A 287 -0.20 12.77 -12.33
C VAL A 287 0.47 14.06 -11.86
N ASP A 288 0.60 15.03 -12.76
CA ASP A 288 1.34 16.24 -12.43
C ASP A 288 0.65 17.02 -11.30
N ASN A 289 -0.68 17.12 -11.35
CA ASN A 289 -1.42 17.86 -10.34
C ASN A 289 -1.40 17.18 -8.98
N LEU A 290 -1.58 15.86 -8.96
CA LEU A 290 -1.47 15.11 -7.70
C LEU A 290 -0.08 15.25 -7.10
N LEU A 291 0.94 15.16 -7.96
CA LEU A 291 2.31 15.26 -7.50
C LEU A 291 2.60 16.64 -6.94
N THR A 292 2.17 17.69 -7.63
CA THR A 292 2.34 19.03 -7.07
C THR A 292 1.74 19.11 -5.68
N GLY A 293 0.53 18.59 -5.52
CA GLY A 293 -0.11 18.64 -4.22
C GLY A 293 0.65 17.87 -3.15
N ILE A 294 1.15 16.68 -3.50
CA ILE A 294 1.87 15.86 -2.52
C ILE A 294 3.14 16.58 -2.06
N LEU A 295 3.91 17.12 -3.01
CA LEU A 295 5.15 17.79 -2.65
C LEU A 295 4.86 18.99 -1.76
N ARG A 296 3.77 19.71 -2.05
CA ARG A 296 3.37 20.87 -1.25
C ARG A 296 2.92 20.47 0.15
N ASP A 297 2.15 19.39 0.25
CA ASP A 297 1.46 19.14 1.50
C ASP A 297 2.22 18.22 2.44
N PHE A 298 2.91 17.19 1.91
CA PHE A 298 3.49 16.14 2.74
C PHE A 298 4.99 16.23 2.89
N PHE A 299 5.70 17.01 2.07
CA PHE A 299 7.15 17.07 2.15
C PHE A 299 7.53 18.41 2.75
N LYS A 300 8.14 18.35 3.92
CA LYS A 300 8.55 19.52 4.69
C LYS A 300 10.07 19.57 4.69
N ASP A 301 10.62 20.56 3.98
CA ASP A 301 12.08 20.66 3.82
C ASP A 301 12.65 19.33 3.31
N GLY A 302 11.90 18.70 2.41
CA GLY A 302 12.40 17.48 1.80
C GLY A 302 12.12 16.21 2.56
N VAL A 303 11.28 16.23 3.60
CA VAL A 303 11.03 15.04 4.44
C VAL A 303 9.53 14.78 4.52
N VAL A 304 9.12 13.54 4.26
N VAL A 304 9.14 13.52 4.28
CA VAL A 304 7.71 13.19 4.34
CA VAL A 304 7.74 13.14 4.41
C VAL A 304 7.20 13.33 5.78
C VAL A 304 7.25 13.46 5.82
N PHE A 305 5.98 13.84 5.93
CA PHE A 305 5.41 14.21 7.22
C PHE A 305 3.92 13.89 7.23
N GLU A 306 3.47 13.14 8.24
CA GLU A 306 2.10 12.67 8.29
C GLU A 306 1.22 13.77 8.90
N ILE A 307 0.78 14.70 8.05
CA ILE A 307 0.20 15.94 8.56
C ILE A 307 -0.98 15.78 9.52
N PRO A 308 -1.86 14.77 9.43
CA PRO A 308 -2.98 14.74 10.40
C PRO A 308 -2.57 14.38 11.82
N CYS A 309 -1.39 13.81 12.04
CA CYS A 309 -1.06 13.30 13.37
C CYS A 309 0.37 13.55 13.83
N GLU A 310 1.33 13.76 12.92
CA GLU A 310 2.74 13.78 13.32
C GLU A 310 3.12 15.04 14.09
N GLY A 311 2.29 16.07 14.06
CA GLY A 311 2.66 17.35 14.64
C GLY A 311 2.82 17.30 16.12
N ARG A 312 2.31 16.26 16.77
CA ARG A 312 2.63 16.03 18.15
C ARG A 312 2.71 14.53 18.40
N GLN A 313 3.50 14.15 19.38
CA GLN A 313 3.65 12.75 19.71
C GLN A 313 2.40 12.22 20.38
N GLY A 314 2.13 10.93 20.15
CA GLY A 314 1.02 10.27 20.79
C GLY A 314 -0.30 10.29 20.04
N ALA A 315 -0.33 10.83 18.82
CA ALA A 315 -1.56 10.90 18.04
C ALA A 315 -1.65 9.89 16.91
N CYS A 316 -0.55 9.50 16.29
CA CYS A 316 -0.65 8.59 15.16
C CYS A 316 -0.97 7.16 15.60
N THR A 317 -1.95 6.55 14.95
CA THR A 317 -2.34 5.17 15.23
C THR A 317 -1.39 4.20 14.53
N ALA A 318 -1.47 2.92 14.91
CA ALA A 318 -0.66 1.89 14.25
C ALA A 318 -0.76 1.97 12.75
N ASP A 319 -1.98 2.14 12.21
CA ASP A 319 -2.13 2.20 10.76
C ASP A 319 -1.33 3.38 10.19
N MET A 320 -1.42 4.54 10.85
CA MET A 320 -0.83 5.77 10.31
C MET A 320 0.69 5.74 10.29
N LEU A 321 1.30 4.96 11.19
CA LEU A 321 2.76 4.84 11.24
C LEU A 321 3.34 4.14 10.00
N THR A 322 2.51 3.45 9.22
CA THR A 322 2.94 2.77 8.01
C THR A 322 2.86 3.63 6.75
N PHE A 323 2.11 4.74 6.77
CA PHE A 323 1.74 5.38 5.50
C PHE A 323 2.97 5.93 4.77
N LYS A 324 3.92 6.55 5.48
CA LYS A 324 5.05 7.19 4.79
C LYS A 324 5.93 6.16 4.07
N GLY A 325 5.95 4.90 4.52
CA GLY A 325 6.67 3.87 3.78
C GLY A 325 6.03 3.60 2.41
N TYR A 326 4.70 3.51 2.38
CA TYR A 326 4.01 3.34 1.10
C TYR A 326 4.26 4.53 0.20
N VAL A 327 4.25 5.75 0.76
CA VAL A 327 4.53 6.94 -0.04
C VAL A 327 5.84 6.78 -0.78
N HIS A 328 6.90 6.41 -0.04
CA HIS A 328 8.21 6.22 -0.67
C HIS A 328 8.18 5.18 -1.78
N ARG A 329 7.70 3.97 -1.48
CA ARG A 329 7.80 2.88 -2.44
C ARG A 329 6.94 3.15 -3.68
N TRP A 330 5.75 3.71 -3.48
CA TRP A 330 4.86 4.00 -4.60
C TRP A 330 5.39 5.14 -5.44
N MET A 331 5.88 6.22 -4.79
CA MET A 331 6.44 7.33 -5.57
C MET A 331 7.66 6.89 -6.35
N ALA A 332 8.47 5.98 -5.80
CA ALA A 332 9.62 5.49 -6.55
C ALA A 332 9.16 4.77 -7.82
N VAL A 333 8.12 3.94 -7.72
CA VAL A 333 7.59 3.25 -8.91
C VAL A 333 7.04 4.26 -9.93
N VAL A 334 6.39 5.33 -9.47
CA VAL A 334 5.91 6.39 -10.36
C VAL A 334 7.02 6.88 -11.28
N THR A 335 8.26 6.97 -10.76
CA THR A 335 9.35 7.48 -11.60
C THR A 335 9.69 6.54 -12.73
N GLN A 336 9.37 5.24 -12.60
CA GLN A 336 9.65 4.27 -13.67
C GLN A 336 8.54 4.26 -14.70
N ILE A 337 7.29 4.40 -14.27
CA ILE A 337 6.22 4.27 -15.25
C ILE A 337 5.75 5.61 -15.78
N ALA A 338 6.08 6.72 -15.10
CA ALA A 338 5.86 8.07 -15.59
C ALA A 338 7.21 8.78 -15.51
N PRO A 339 8.15 8.42 -16.39
CA PRO A 339 9.54 8.88 -16.23
C PRO A 339 9.71 10.40 -16.23
N HIS A 340 8.78 11.18 -16.78
CA HIS A 340 8.94 12.63 -16.73
C HIS A 340 8.92 13.17 -15.31
N THR A 341 8.45 12.37 -14.33
CA THR A 341 8.39 12.80 -12.94
C THR A 341 9.68 12.58 -12.18
N LYS A 342 10.66 11.92 -12.78
CA LYS A 342 11.81 11.43 -12.02
C LYS A 342 12.53 12.55 -11.28
N ASP A 343 12.79 13.68 -11.96
CA ASP A 343 13.58 14.71 -11.32
C ASP A 343 12.80 15.47 -10.25
N ARG A 344 11.48 15.37 -10.25
CA ARG A 344 10.70 15.97 -9.17
C ARG A 344 10.65 15.06 -7.95
N ILE A 345 10.74 13.75 -8.15
CA ILE A 345 10.51 12.80 -7.08
C ILE A 345 11.81 12.31 -6.45
N LEU A 346 12.76 11.84 -7.24
CA LEU A 346 13.89 11.11 -6.63
C LEU A 346 14.69 11.98 -5.68
N PRO A 347 14.96 13.26 -5.95
CA PRO A 347 15.74 14.04 -4.97
C PRO A 347 15.02 14.22 -3.65
N VAL A 348 13.69 14.27 -3.68
N VAL A 348 13.69 14.31 -3.65
CA VAL A 348 12.90 14.46 -2.47
CA VAL A 348 12.96 14.48 -2.40
C VAL A 348 12.81 13.17 -1.67
C VAL A 348 12.85 13.15 -1.64
N LEU A 349 12.68 12.03 -2.34
CA LEU A 349 12.74 10.76 -1.63
C LEU A 349 14.11 10.57 -0.98
N ARG A 350 15.17 11.04 -1.64
CA ARG A 350 16.51 10.94 -1.06
C ARG A 350 16.62 11.72 0.24
N THR A 351 16.19 13.00 0.25
CA THR A 351 16.27 13.77 1.50
C THR A 351 15.37 13.18 2.58
N SER A 352 14.22 12.62 2.19
CA SER A 352 13.32 12.03 3.17
C SER A 352 13.91 10.76 3.76
N ALA A 353 14.55 9.92 2.94
CA ALA A 353 15.22 8.72 3.42
C ALA A 353 16.44 9.06 4.28
N GLU A 354 17.18 10.13 3.94
CA GLU A 354 18.28 10.56 4.79
C GLU A 354 17.76 10.90 6.17
N ALA A 355 16.63 11.62 6.26
CA ALA A 355 16.05 11.91 7.57
C ALA A 355 15.61 10.63 8.27
N ALA A 356 15.02 9.70 7.53
CA ALA A 356 14.63 8.42 8.14
C ALA A 356 15.81 7.76 8.84
N VAL A 357 16.93 7.60 8.12
CA VAL A 357 18.07 6.90 8.72
C VAL A 357 18.75 7.71 9.81
N LYS A 358 18.72 9.05 9.72
CA LYS A 358 19.37 9.88 10.74
C LYS A 358 18.79 9.61 12.12
N GLN A 359 17.50 9.30 12.22
CA GLN A 359 16.88 9.04 13.51
C GLN A 359 16.78 7.56 13.89
N CYS A 360 17.32 6.65 13.08
CA CYS A 360 17.37 5.23 13.44
C CYS A 360 18.63 4.99 14.27
N VAL A 361 18.56 5.47 15.50
CA VAL A 361 19.70 5.44 16.41
C VAL A 361 19.27 5.04 17.81
N GLY A 362 18.05 4.55 17.97
CA GLY A 362 17.55 4.32 19.31
C GLY A 362 18.12 3.12 20.04
N PRO A 363 18.07 3.18 21.37
CA PRO A 363 18.41 2.00 22.18
C PRO A 363 17.34 0.94 22.00
N PRO A 364 17.63 -0.33 22.30
CA PRO A 364 18.87 -0.80 22.90
C PRO A 364 19.94 -1.20 21.89
N THR A 365 19.61 -1.12 20.62
CA THR A 365 20.49 -1.65 19.59
C THR A 365 21.42 -0.59 19.01
N GLY A 366 21.15 0.70 19.23
CA GLY A 366 21.83 1.81 18.56
C GLY A 366 21.34 2.07 17.15
N ARG A 367 20.33 1.34 16.70
CA ARG A 367 19.82 1.48 15.33
C ARG A 367 18.30 1.39 15.30
N ARG A 368 17.62 1.43 16.44
CA ARG A 368 16.17 1.33 16.44
C ARG A 368 15.57 2.55 15.76
N CYS A 369 14.53 2.30 14.95
CA CYS A 369 13.89 3.36 14.16
C CYS A 369 12.61 3.89 14.80
N GLY A 370 12.49 5.21 14.86
CA GLY A 370 11.25 5.87 15.19
C GLY A 370 10.57 6.45 13.95
N PHE A 371 9.59 7.32 14.20
CA PHE A 371 8.68 7.82 13.19
C PHE A 371 8.91 9.28 12.82
N TYR A 372 9.50 10.06 13.71
CA TYR A 372 9.48 11.53 13.59
C TYR A 372 10.72 11.98 12.81
N TRP A 373 10.73 11.62 11.54
CA TRP A 373 11.92 11.84 10.72
C TRP A 373 12.23 13.32 10.59
N LYS A 374 11.21 14.13 10.30
CA LYS A 374 11.48 15.56 10.11
C LYS A 374 12.11 16.18 11.35
N SER A 375 11.70 15.74 12.53
CA SER A 375 12.24 16.29 13.77
C SER A 375 13.73 16.09 13.93
N GLY A 376 14.32 15.09 13.28
CA GLY A 376 15.73 14.84 13.41
C GLY A 376 16.14 14.03 14.61
N LYS A 377 15.21 13.54 15.41
CA LYS A 377 15.54 12.89 16.67
C LYS A 377 14.77 11.58 16.79
N PHE A 378 15.44 10.58 17.35
CA PHE A 378 14.77 9.34 17.73
C PHE A 378 13.73 9.58 18.83
N VAL A 379 12.52 9.09 18.59
CA VAL A 379 11.43 9.06 19.56
C VAL A 379 11.05 7.59 19.75
N ASP A 380 10.99 7.14 21.00
CA ASP A 380 10.63 5.74 21.25
C ASP A 380 9.22 5.44 20.71
N PRO A 381 9.05 4.39 19.88
CA PRO A 381 7.70 4.02 19.42
C PRO A 381 6.68 3.80 20.53
N SER A 382 7.12 3.59 21.77
CA SER A 382 6.15 3.47 22.85
C SER A 382 5.29 4.73 23.00
N VAL A 383 5.74 5.89 22.50
CA VAL A 383 4.94 7.10 22.66
C VAL A 383 3.64 6.97 21.87
N ASP A 384 3.68 6.20 20.79
CA ASP A 384 2.50 5.93 19.98
C ASP A 384 1.94 4.55 20.24
N HIS A 385 2.32 3.92 21.34
CA HIS A 385 1.60 2.77 21.87
C HIS A 385 1.69 1.54 21.00
N THR A 386 2.82 1.37 20.30
CA THR A 386 3.09 0.11 19.65
C THR A 386 4.55 -0.26 19.86
N SER A 387 4.86 -1.50 19.48
CA SER A 387 6.22 -1.98 19.56
C SER A 387 7.14 -1.41 18.49
N GLY A 388 6.61 -0.77 17.45
CA GLY A 388 7.41 -0.07 16.45
C GLY A 388 7.51 -0.74 15.07
N ALA A 389 6.66 -1.71 14.76
CA ALA A 389 6.76 -2.42 13.50
C ALA A 389 6.49 -1.51 12.30
N GLY A 390 5.53 -0.59 12.43
CA GLY A 390 5.22 0.26 11.30
C GLY A 390 6.35 1.23 10.96
N GLU A 391 6.99 1.76 11.99
CA GLU A 391 8.16 2.61 11.80
C GLU A 391 9.28 1.84 11.12
N ALA A 392 9.53 0.62 11.56
CA ALA A 392 10.56 -0.22 10.94
C ALA A 392 10.22 -0.51 9.49
N MET A 393 8.96 -0.82 9.21
N MET A 393 8.95 -0.80 9.21
CA MET A 393 8.52 -1.08 7.85
CA MET A 393 8.52 -1.09 7.85
C MET A 393 8.71 0.14 6.97
C MET A 393 8.68 0.13 6.96
N SER A 394 8.38 1.31 7.50
CA SER A 394 8.49 2.53 6.71
C SER A 394 9.94 2.86 6.37
N VAL A 395 10.88 2.69 7.33
CA VAL A 395 12.28 2.95 7.00
C VAL A 395 12.81 1.92 6.00
N LEU A 396 12.44 0.65 6.18
CA LEU A 396 12.84 -0.36 5.22
C LEU A 396 12.42 0.02 3.81
N ALA A 397 11.16 0.44 3.66
CA ALA A 397 10.63 0.81 2.36
C ALA A 397 11.38 2.01 1.78
N ALA A 398 11.63 3.02 2.61
CA ALA A 398 12.29 4.22 2.13
C ALA A 398 13.71 3.93 1.68
N VAL A 399 14.45 3.17 2.48
CA VAL A 399 15.83 2.88 2.12
C VAL A 399 15.91 1.96 0.90
N SER A 400 15.11 0.88 0.89
N SER A 400 15.10 0.87 0.87
CA SER A 400 15.14 -0.03 -0.25
CA SER A 400 15.19 -0.03 -0.27
C SER A 400 14.86 0.71 -1.54
C SER A 400 14.84 0.68 -1.57
N SER A 401 13.87 1.61 -1.53
CA SER A 401 13.43 2.31 -2.74
C SER A 401 14.46 3.31 -3.23
N LEU A 402 15.51 3.62 -2.44
CA LEU A 402 16.64 4.35 -2.96
C LEU A 402 17.34 3.60 -4.11
N LEU A 403 17.08 2.32 -4.29
CA LEU A 403 17.67 1.52 -5.35
C LEU A 403 16.80 1.48 -6.60
N ILE A 404 15.73 2.28 -6.65
CA ILE A 404 14.81 2.21 -7.80
C ILE A 404 15.52 2.44 -9.14
N GLU A 405 16.56 3.28 -9.20
CA GLU A 405 17.21 3.55 -10.49
C GLU A 405 17.82 2.31 -11.09
N TYR A 406 18.16 1.31 -10.26
CA TYR A 406 18.78 0.07 -10.71
C TYR A 406 17.77 -1.04 -10.97
N ALA A 407 16.51 -0.84 -10.61
CA ALA A 407 15.52 -1.90 -10.68
C ALA A 407 14.81 -1.94 -12.02
N GLU A 408 14.34 -3.13 -12.38
CA GLU A 408 13.45 -3.25 -13.52
C GLU A 408 12.12 -2.57 -13.22
N PRO A 409 11.46 -2.03 -14.23
CA PRO A 409 10.10 -1.51 -14.03
C PRO A 409 9.13 -2.65 -13.81
N PRO A 410 7.93 -2.36 -13.33
CA PRO A 410 6.91 -3.41 -13.26
C PRO A 410 6.75 -4.15 -14.57
N ALA A 411 6.73 -5.48 -14.50
CA ALA A 411 6.48 -6.27 -15.67
C ALA A 411 5.01 -6.20 -16.09
N THR A 412 4.76 -6.46 -17.38
CA THR A 412 3.43 -6.78 -17.90
C THR A 412 3.39 -8.27 -18.23
N ASN A 413 2.27 -8.72 -18.81
CA ASN A 413 2.19 -10.10 -19.26
C ASN A 413 3.16 -10.41 -20.39
N GLU A 414 3.82 -9.41 -20.95
CA GLU A 414 4.84 -9.68 -21.96
C GLU A 414 6.02 -10.45 -21.39
N THR A 415 6.45 -10.13 -20.17
CA THR A 415 7.59 -10.79 -19.55
C THR A 415 7.28 -11.40 -18.18
N GLY A 416 6.10 -11.13 -17.61
CA GLY A 416 5.76 -11.70 -16.32
C GLY A 416 5.64 -13.21 -16.37
N ILE A 417 5.69 -13.84 -15.20
CA ILE A 417 5.64 -15.29 -15.07
C ILE A 417 4.40 -15.79 -14.34
N SER A 418 3.55 -14.90 -13.82
CA SER A 418 2.37 -15.32 -13.08
C SER A 418 1.30 -15.78 -14.08
N ARG A 419 0.17 -16.24 -13.56
CA ARG A 419 -0.97 -16.74 -14.33
C ARG A 419 -2.25 -16.20 -13.70
N GLY A 420 -3.21 -15.86 -14.54
CA GLY A 420 -4.49 -15.34 -14.11
C GLY A 420 -5.56 -16.42 -14.07
N ASP A 421 -6.81 -15.99 -13.86
CA ASP A 421 -7.95 -16.91 -13.72
C ASP A 421 -9.16 -16.14 -14.24
N PRO A 422 -9.78 -16.56 -15.35
CA PRO A 422 -10.95 -15.80 -15.86
C PRO A 422 -12.14 -15.82 -14.92
N ASN A 423 -12.15 -16.72 -13.95
CA ASN A 423 -13.21 -16.78 -12.96
C ASN A 423 -12.74 -16.38 -11.58
N ALA A 424 -11.66 -15.63 -11.48
CA ALA A 424 -11.23 -15.10 -10.19
C ALA A 424 -12.39 -14.29 -9.60
N GLY A 425 -12.70 -14.54 -8.34
CA GLY A 425 -13.81 -13.85 -7.69
C GLY A 425 -15.21 -14.33 -8.04
N MET A 426 -15.34 -15.37 -8.85
CA MET A 426 -16.66 -15.78 -9.33
C MET A 426 -17.06 -17.18 -8.89
N ARG A 427 -16.51 -17.68 -7.79
CA ARG A 427 -16.86 -19.02 -7.35
C ARG A 427 -18.24 -19.03 -6.73
N SER A 428 -18.89 -20.19 -6.84
CA SER A 428 -20.27 -20.31 -6.42
C SER A 428 -20.41 -20.18 -4.93
N ARG A 429 -19.36 -20.49 -4.17
CA ARG A 429 -19.31 -20.28 -2.73
C ARG A 429 -18.75 -18.93 -2.34
N GLY A 430 -18.44 -18.06 -3.32
CA GLY A 430 -17.98 -16.73 -2.99
C GLY A 430 -18.98 -15.97 -2.13
N ALA A 431 -18.44 -15.10 -1.26
CA ALA A 431 -19.30 -14.38 -0.31
C ALA A 431 -20.37 -13.55 -1.01
N ALA A 432 -20.12 -13.05 -2.23
CA ALA A 432 -21.14 -12.23 -2.88
C ALA A 432 -22.44 -13.00 -3.13
N GLN A 433 -22.37 -14.34 -3.20
CA GLN A 433 -23.53 -15.19 -3.44
C GLN A 433 -24.41 -15.36 -2.23
N HIS A 434 -23.98 -14.90 -1.05
CA HIS A 434 -24.88 -14.89 0.10
C HIS A 434 -24.85 -13.55 0.82
N PHE A 435 -24.75 -12.47 0.05
CA PHE A 435 -24.72 -11.12 0.60
C PHE A 435 -26.10 -10.67 1.07
#